data_5V6E
#
_entry.id   5V6E
#
_cell.length_a   114.979
_cell.length_b   164.096
_cell.length_c   171.752
_cell.angle_alpha   90.00
_cell.angle_beta   90.00
_cell.angle_gamma   90.00
#
_symmetry.space_group_name_H-M   'I 2 2 2'
#
loop_
_entity.id
_entity.type
_entity.pdbx_description
1 polymer 'PDZ domain-containing protein GIPC1'
2 polymer 'Unconventional myosin-VI'
#
loop_
_entity_poly.entity_id
_entity_poly.type
_entity_poly.pdbx_seq_one_letter_code
_entity_poly.pdbx_strand_id
1 'polypeptide(L)' GPHMSAFEEKAIEKVDDLLESYMGIRDTELAATMVELGKDKRNPDELAEALDERLGDFAFPDEFVFDVWGAIGDAKVGRY A,C,E,G,I
2 'polypeptide(L)' GPGSHDLSKWKYAELRDTINTSCDIELLAACREEFHRRLKVYHAWKSKN B,D,F,H,J
#
# COMPACT_ATOMS: atom_id res chain seq x y z
N PHE A 7 9.52 25.03 5.40
CA PHE A 7 8.47 24.08 5.74
C PHE A 7 7.17 24.77 6.15
N GLU A 8 7.17 25.34 7.35
CA GLU A 8 5.94 25.74 8.05
C GLU A 8 5.04 26.70 7.25
N GLU A 9 5.64 27.65 6.55
CA GLU A 9 4.87 28.64 5.81
C GLU A 9 4.01 27.99 4.73
N LYS A 10 4.57 27.03 4.00
CA LYS A 10 3.81 26.38 2.94
C LYS A 10 2.75 25.45 3.53
N ALA A 11 3.08 24.89 4.68
CA ALA A 11 2.14 24.05 5.42
C ALA A 11 0.91 24.85 5.82
N ILE A 12 1.11 26.03 6.41
CA ILE A 12 -0.03 26.87 6.83
C ILE A 12 -0.99 27.19 5.68
N GLU A 13 -0.45 27.52 4.52
CA GLU A 13 -1.27 27.81 3.37
C GLU A 13 -2.15 26.62 3.03
N LYS A 14 -1.52 25.47 2.79
CA LYS A 14 -2.23 24.26 2.44
C LYS A 14 -3.37 23.98 3.43
N VAL A 15 -3.14 24.27 4.70
CA VAL A 15 -4.10 24.02 5.76
C VAL A 15 -5.18 25.08 5.82
N ASP A 16 -4.78 26.34 5.67
CA ASP A 16 -5.71 27.45 5.71
C ASP A 16 -6.71 27.37 4.57
N ASP A 17 -6.26 26.89 3.41
CA ASP A 17 -7.16 26.62 2.31
C ASP A 17 -8.18 25.56 2.71
N LEU A 18 -7.74 24.56 3.46
CA LEU A 18 -8.63 23.52 3.93
C LEU A 18 -9.60 24.07 4.94
N LEU A 19 -9.20 25.13 5.64
CA LEU A 19 -10.10 25.83 6.56
C LEU A 19 -11.24 26.50 5.80
N GLU A 20 -10.86 27.33 4.84
CA GLU A 20 -11.80 28.09 4.02
C GLU A 20 -12.82 27.17 3.39
N SER A 21 -12.37 25.99 2.97
CA SER A 21 -13.22 25.07 2.22
C SER A 21 -14.13 24.29 3.16
N TYR A 22 -13.89 24.44 4.46
CA TYR A 22 -14.69 23.78 5.49
C TYR A 22 -15.68 24.73 6.13
N MET A 23 -15.16 25.89 6.48
CA MET A 23 -15.84 26.80 7.38
C MET A 23 -16.30 28.05 6.68
N GLY A 24 -15.68 28.33 5.53
CA GLY A 24 -16.03 29.50 4.74
C GLY A 24 -15.18 30.70 5.09
N ILE A 25 -14.57 30.68 6.27
CA ILE A 25 -13.70 31.76 6.69
C ILE A 25 -12.24 31.33 6.53
N ARG A 26 -11.35 32.26 6.76
CA ARG A 26 -9.93 32.02 6.55
C ARG A 26 -9.15 32.63 7.71
N ASP A 27 -8.11 31.93 8.17
CA ASP A 27 -7.36 32.41 9.33
C ASP A 27 -5.98 31.76 9.38
N THR A 28 -4.97 32.52 8.97
CA THR A 28 -3.60 32.03 8.94
C THR A 28 -3.09 31.71 10.34
N GLU A 29 -3.76 32.26 11.36
CA GLU A 29 -3.40 31.94 12.74
C GLU A 29 -3.99 30.60 13.17
N LEU A 30 -5.31 30.48 13.11
CA LEU A 30 -5.96 29.22 13.46
C LEU A 30 -5.35 28.08 12.67
N ALA A 31 -5.08 28.33 11.38
CA ALA A 31 -4.47 27.30 10.55
C ALA A 31 -3.08 26.95 11.05
N ALA A 32 -2.33 27.96 11.50
CA ALA A 32 -0.97 27.72 11.99
C ALA A 32 -1.00 26.99 13.33
N THR A 33 -2.03 27.24 14.15
CA THR A 33 -2.20 26.49 15.38
C THR A 33 -2.24 25.01 15.07
N MET A 34 -2.98 24.67 14.02
CA MET A 34 -3.17 23.29 13.59
C MET A 34 -1.90 22.69 12.97
N VAL A 35 -1.17 23.48 12.19
CA VAL A 35 0.10 22.98 11.66
C VAL A 35 1.02 22.62 12.82
N GLU A 36 1.13 23.53 13.78
CA GLU A 36 2.03 23.38 14.92
C GLU A 36 1.62 22.19 15.78
N LEU A 37 0.31 22.06 15.99
CA LEU A 37 -0.27 20.95 16.74
C LEU A 37 0.17 19.59 16.21
N GLY A 38 0.01 19.37 14.91
CA GLY A 38 0.20 18.05 14.37
C GLY A 38 1.42 17.82 13.52
N LYS A 39 2.36 18.76 13.52
CA LYS A 39 3.53 18.64 12.64
C LYS A 39 4.33 17.40 13.00
N ASP A 40 4.52 17.19 14.31
CA ASP A 40 5.35 16.10 14.84
C ASP A 40 4.54 14.93 15.39
N LYS A 41 3.44 14.56 14.73
CA LYS A 41 2.67 13.37 15.12
C LYS A 41 2.98 12.25 14.16
N ARG A 42 2.37 11.09 14.40
CA ARG A 42 2.78 9.89 13.69
C ARG A 42 1.63 9.23 12.93
N ASN A 43 0.41 9.71 13.17
CA ASN A 43 -0.78 9.26 12.46
C ASN A 43 -1.93 10.25 12.69
N PRO A 44 -2.96 10.24 11.80
CA PRO A 44 -4.08 11.19 11.82
C PRO A 44 -4.90 11.15 13.10
N ASP A 45 -4.74 10.09 13.87
CA ASP A 45 -5.46 9.98 15.12
C ASP A 45 -4.77 10.81 16.17
N GLU A 46 -3.46 10.72 16.26
CA GLU A 46 -2.72 11.56 17.18
C GLU A 46 -3.03 13.04 16.89
N LEU A 47 -3.10 13.41 15.60
CA LEU A 47 -3.46 14.77 15.21
C LEU A 47 -4.84 15.12 15.71
N ALA A 48 -5.76 14.16 15.61
CA ALA A 48 -7.15 14.35 15.98
C ALA A 48 -7.27 14.61 17.47
N GLU A 49 -6.53 13.82 18.25
CA GLU A 49 -6.53 13.89 19.71
C GLU A 49 -6.04 15.27 20.17
N ALA A 50 -5.08 15.83 19.45
CA ALA A 50 -4.53 17.13 19.83
C ALA A 50 -5.46 18.27 19.41
N LEU A 51 -6.08 18.12 18.24
CA LEU A 51 -7.06 19.10 17.78
C LEU A 51 -8.22 19.16 18.76
N ASP A 52 -8.61 17.99 19.27
CA ASP A 52 -9.72 17.89 20.21
C ASP A 52 -9.45 18.62 21.53
N GLU A 53 -8.18 18.69 21.91
CA GLU A 53 -7.78 19.38 23.13
C GLU A 53 -8.27 20.83 23.14
N ARG A 54 -7.75 21.63 22.22
CA ARG A 54 -8.06 23.05 22.18
C ARG A 54 -9.29 23.35 21.31
N LEU A 55 -9.17 23.02 20.02
CA LEU A 55 -10.17 23.37 19.02
C LEU A 55 -11.28 22.33 18.96
N GLY A 56 -11.61 21.76 20.10
CA GLY A 56 -12.54 20.67 20.14
C GLY A 56 -13.92 20.97 19.59
N ASP A 57 -14.41 22.18 19.86
CA ASP A 57 -15.78 22.52 19.57
C ASP A 57 -16.13 22.64 18.09
N PHE A 58 -15.11 22.62 17.23
CA PHE A 58 -15.34 22.72 15.80
C PHE A 58 -16.01 21.47 15.25
N ALA A 59 -15.76 20.33 15.90
CA ALA A 59 -16.31 19.05 15.47
C ALA A 59 -15.76 18.66 14.13
N PHE A 60 -14.48 18.98 13.91
CA PHE A 60 -13.80 18.68 12.65
C PHE A 60 -14.01 17.24 12.22
N PRO A 61 -14.55 17.04 11.02
CA PRO A 61 -14.79 15.70 10.49
C PRO A 61 -13.51 14.96 10.15
N ASP A 62 -13.57 13.64 10.10
CA ASP A 62 -12.41 12.81 9.83
C ASP A 62 -11.73 13.17 8.53
N GLU A 63 -12.53 13.45 7.51
CA GLU A 63 -11.95 13.76 6.21
C GLU A 63 -11.12 15.02 6.27
N PHE A 64 -11.57 15.97 7.09
CA PHE A 64 -10.82 17.19 7.33
C PHE A 64 -9.48 16.88 8.00
N VAL A 65 -9.53 16.05 9.04
CA VAL A 65 -8.36 15.69 9.84
C VAL A 65 -7.41 14.86 9.01
N PHE A 66 -7.94 14.25 7.96
CA PHE A 66 -7.13 13.51 7.01
C PHE A 66 -6.37 14.45 6.07
N ASP A 67 -7.09 15.44 5.56
CA ASP A 67 -6.57 16.38 4.58
C ASP A 67 -5.50 17.26 5.19
N VAL A 68 -5.68 17.56 6.48
CA VAL A 68 -4.69 18.31 7.25
C VAL A 68 -3.47 17.44 7.55
N TRP A 69 -3.71 16.17 7.87
CA TRP A 69 -2.62 15.23 8.05
C TRP A 69 -1.86 15.13 6.74
N GLY A 70 -2.62 14.97 5.67
CA GLY A 70 -2.05 14.89 4.34
C GLY A 70 -1.28 16.15 3.98
N ALA A 71 -1.91 17.30 4.16
CA ALA A 71 -1.30 18.58 3.81
C ALA A 71 0.03 18.82 4.50
N ILE A 72 0.05 18.68 5.83
CA ILE A 72 1.26 18.89 6.63
C ILE A 72 2.36 17.91 6.22
N GLY A 73 1.94 16.73 5.79
CA GLY A 73 2.89 15.73 5.33
C GLY A 73 3.57 16.21 4.07
N ASP A 74 2.78 16.78 3.17
CA ASP A 74 3.27 17.26 1.89
C ASP A 74 4.29 18.38 2.06
N ALA A 75 4.16 19.13 3.14
CA ALA A 75 5.05 20.26 3.38
C ALA A 75 6.47 19.84 3.77
N LYS A 76 6.60 18.77 4.56
CA LYS A 76 7.94 18.28 4.93
C LYS A 76 8.65 17.67 3.73
N VAL A 77 7.88 17.21 2.75
CA VAL A 77 8.40 16.57 1.54
C VAL A 77 8.89 17.58 0.49
N GLY A 78 8.11 18.66 0.32
CA GLY A 78 8.43 19.68 -0.66
C GLY A 78 7.37 19.77 -1.75
N ARG A 79 6.25 19.10 -1.54
CA ARG A 79 5.17 19.07 -2.50
C ARG A 79 4.43 20.41 -2.58
N TYR A 80 5.08 21.40 -3.20
CA TYR A 80 4.47 22.72 -3.39
C TYR A 80 4.95 23.37 -4.68
N GLY B 3 -32.25 16.99 9.43
CA GLY B 3 -32.34 15.58 9.08
C GLY B 3 -31.40 14.75 9.92
N SER B 4 -31.58 13.43 9.86
CA SER B 4 -30.71 12.48 10.56
C SER B 4 -29.43 12.21 9.74
N HIS B 5 -29.02 13.26 9.01
CA HIS B 5 -27.71 13.39 8.39
C HIS B 5 -26.65 13.81 9.42
N ASP B 6 -25.41 13.34 9.27
CA ASP B 6 -24.31 13.90 10.04
C ASP B 6 -23.71 15.06 9.26
N LEU B 7 -24.29 16.24 9.45
CA LEU B 7 -24.01 17.39 8.61
C LEU B 7 -22.68 18.07 8.92
N SER B 8 -21.93 17.51 9.84
CA SER B 8 -20.61 18.03 10.20
C SER B 8 -19.57 17.52 9.24
N LYS B 9 -19.98 16.54 8.43
CA LYS B 9 -19.13 15.93 7.43
C LYS B 9 -19.08 16.78 6.16
N TRP B 10 -20.05 17.68 6.01
CA TRP B 10 -20.22 18.41 4.76
C TRP B 10 -19.22 19.54 4.60
N LYS B 11 -18.82 19.82 3.37
CA LYS B 11 -17.92 20.93 3.08
C LYS B 11 -18.71 22.23 3.08
N TYR B 12 -18.05 23.37 3.23
CA TYR B 12 -18.78 24.64 3.27
C TYR B 12 -19.50 24.88 1.95
N ALA B 13 -18.85 24.58 0.83
CA ALA B 13 -19.52 24.62 -0.47
C ALA B 13 -20.84 23.87 -0.39
N GLU B 14 -20.73 22.58 -0.05
CA GLU B 14 -21.86 21.65 0.08
C GLU B 14 -23.07 22.29 0.75
N LEU B 15 -22.87 22.83 1.94
CA LEU B 15 -23.93 23.49 2.68
C LEU B 15 -24.55 24.61 1.87
N ARG B 16 -23.76 25.62 1.49
CA ARG B 16 -24.27 26.81 0.79
C ARG B 16 -25.05 26.40 -0.46
N ASP B 17 -24.55 25.39 -1.16
CA ASP B 17 -25.20 24.93 -2.37
C ASP B 17 -26.58 24.34 -2.10
N THR B 18 -26.68 23.32 -1.24
CA THR B 18 -28.00 22.74 -0.95
C THR B 18 -28.92 23.76 -0.31
N ILE B 19 -28.37 24.83 0.26
CA ILE B 19 -29.22 25.86 0.84
C ILE B 19 -30.05 26.53 -0.27
N ASN B 20 -29.41 27.08 -1.29
CA ASN B 20 -30.17 27.72 -2.36
C ASN B 20 -30.42 26.82 -3.57
N THR B 21 -30.66 25.55 -3.32
CA THR B 21 -31.00 24.60 -4.38
C THR B 21 -32.16 23.72 -3.95
N SER B 22 -32.02 23.16 -2.75
CA SER B 22 -32.98 22.20 -2.23
C SER B 22 -34.32 22.88 -1.96
N CYS B 23 -35.39 22.12 -2.13
CA CYS B 23 -36.72 22.57 -1.83
C CYS B 23 -37.24 21.76 -0.65
N ASP B 24 -36.36 20.93 -0.09
CA ASP B 24 -36.61 20.19 1.15
C ASP B 24 -36.46 21.11 2.35
N ILE B 25 -37.58 21.48 2.94
CA ILE B 25 -37.57 22.46 4.02
C ILE B 25 -36.84 21.96 5.25
N GLU B 26 -36.93 20.67 5.53
CA GLU B 26 -36.27 20.09 6.71
C GLU B 26 -34.75 20.17 6.56
N LEU B 27 -34.26 19.73 5.39
CA LEU B 27 -32.85 19.74 5.06
C LEU B 27 -32.31 21.14 5.04
N LEU B 28 -33.18 22.05 4.63
CA LEU B 28 -32.83 23.44 4.50
C LEU B 28 -32.46 24.02 5.84
N ALA B 29 -33.35 23.83 6.81
CA ALA B 29 -33.16 24.40 8.13
C ALA B 29 -31.96 23.77 8.79
N ALA B 30 -31.75 22.49 8.48
CA ALA B 30 -30.63 21.72 9.01
C ALA B 30 -29.28 22.23 8.48
N CYS B 31 -29.24 22.60 7.21
CA CYS B 31 -28.01 23.12 6.61
C CYS B 31 -27.77 24.55 7.05
N ARG B 32 -28.84 25.31 7.12
CA ARG B 32 -28.77 26.68 7.61
C ARG B 32 -28.23 26.69 9.06
N GLU B 33 -28.61 25.69 9.84
CA GLU B 33 -28.14 25.59 11.22
C GLU B 33 -26.66 25.21 11.29
N GLU B 34 -26.26 24.19 10.54
CA GLU B 34 -24.84 23.80 10.49
C GLU B 34 -23.98 24.97 10.06
N PHE B 35 -24.39 25.63 8.99
CA PHE B 35 -23.68 26.78 8.44
C PHE B 35 -23.46 27.81 9.54
N HIS B 36 -24.48 27.93 10.39
CA HIS B 36 -24.42 28.82 11.55
C HIS B 36 -23.46 28.33 12.62
N ARG B 37 -23.59 27.05 12.95
CA ARG B 37 -22.83 26.46 14.03
C ARG B 37 -21.35 26.76 13.89
N ARG B 38 -20.86 26.55 12.68
CA ARG B 38 -19.43 26.61 12.42
C ARG B 38 -18.91 28.01 12.57
N LEU B 39 -19.74 28.99 12.22
CA LEU B 39 -19.38 30.40 12.37
C LEU B 39 -19.48 30.85 13.83
N LYS B 40 -20.45 30.26 14.53
CA LYS B 40 -20.66 30.52 15.95
C LYS B 40 -19.45 30.04 16.73
N VAL B 41 -18.99 28.84 16.39
CA VAL B 41 -17.84 28.22 17.02
C VAL B 41 -16.56 29.00 16.69
N TYR B 42 -16.48 29.52 15.46
CA TYR B 42 -15.33 30.32 15.07
C TYR B 42 -15.34 31.66 15.79
N HIS B 43 -16.53 32.16 16.05
CA HIS B 43 -16.66 33.38 16.85
C HIS B 43 -16.10 33.18 18.25
N ALA B 44 -16.44 32.05 18.86
CA ALA B 44 -15.99 31.72 20.20
C ALA B 44 -14.48 31.56 20.28
N TRP B 45 -13.88 31.03 19.22
CA TRP B 45 -12.44 30.86 19.17
C TRP B 45 -11.72 32.18 18.97
N LYS B 46 -12.28 33.04 18.11
CA LYS B 46 -11.63 34.31 17.78
C LYS B 46 -11.50 35.20 19.02
N SER B 47 -12.61 35.38 19.73
CA SER B 47 -12.68 36.30 20.88
C SER B 47 -11.78 35.90 22.04
N LYS B 48 -11.37 34.63 22.06
CA LYS B 48 -10.48 34.10 23.09
C LYS B 48 -9.01 34.26 22.69
N ASN B 49 -8.71 33.95 21.43
CA ASN B 49 -7.35 34.10 20.93
C ASN B 49 -7.31 34.83 19.59
N PHE C 7 -21.55 41.52 -9.84
CA PHE C 7 -22.05 40.49 -8.94
C PHE C 7 -22.86 41.08 -7.78
N GLU C 8 -22.49 42.29 -7.34
CA GLU C 8 -23.09 42.89 -6.15
C GLU C 8 -24.55 43.25 -6.35
N GLU C 9 -24.96 43.31 -7.62
CA GLU C 9 -26.35 43.54 -7.97
C GLU C 9 -27.12 42.23 -7.80
N LYS C 10 -26.42 41.12 -8.07
CA LYS C 10 -26.97 39.78 -7.90
C LYS C 10 -27.09 39.44 -6.41
N ALA C 11 -26.25 40.07 -5.60
CA ALA C 11 -26.21 39.83 -4.16
C ALA C 11 -27.27 40.61 -3.41
N ILE C 12 -27.62 41.79 -3.91
CA ILE C 12 -28.64 42.60 -3.28
C ILE C 12 -29.95 41.85 -3.30
N GLU C 13 -30.25 41.24 -4.46
CA GLU C 13 -31.43 40.40 -4.63
C GLU C 13 -31.58 39.42 -3.45
N LYS C 14 -30.49 38.76 -3.10
CA LYS C 14 -30.49 37.72 -2.05
C LYS C 14 -30.64 38.26 -0.64
N VAL C 15 -30.04 39.42 -0.40
CA VAL C 15 -30.07 40.07 0.92
C VAL C 15 -31.46 40.60 1.17
N ASP C 16 -32.08 41.10 0.11
CA ASP C 16 -33.45 41.63 0.20
C ASP C 16 -34.39 40.54 0.74
N ASP C 17 -34.21 39.32 0.24
CA ASP C 17 -34.99 38.18 0.68
C ASP C 17 -34.86 37.93 2.16
N LEU C 18 -33.68 38.24 2.70
CA LEU C 18 -33.43 38.09 4.13
C LEU C 18 -34.24 39.12 4.90
N LEU C 19 -34.33 40.33 4.36
CA LEU C 19 -35.07 41.39 5.01
C LEU C 19 -36.55 41.02 5.07
N GLU C 20 -37.07 40.42 4.00
CA GLU C 20 -38.48 40.00 3.97
C GLU C 20 -38.77 38.93 5.03
N SER C 21 -37.77 38.14 5.39
CA SER C 21 -37.98 37.06 6.35
C SER C 21 -37.83 37.55 7.78
N TYR C 22 -36.94 38.51 8.00
CA TYR C 22 -36.68 39.04 9.34
C TYR C 22 -37.61 40.19 9.73
N MET C 23 -37.70 41.20 8.87
CA MET C 23 -38.50 42.37 9.18
C MET C 23 -39.84 42.34 8.51
N GLY C 24 -39.96 41.58 7.42
CA GLY C 24 -41.20 41.55 6.67
C GLY C 24 -41.32 42.77 5.78
N ILE C 25 -40.20 43.45 5.59
CA ILE C 25 -40.09 44.56 4.66
C ILE C 25 -39.18 44.17 3.52
N ARG C 26 -38.97 45.13 2.62
CA ARG C 26 -38.13 44.88 1.47
C ARG C 26 -37.70 46.20 0.88
N ASP C 27 -36.40 46.34 0.67
CA ASP C 27 -35.88 47.65 0.33
C ASP C 27 -34.47 47.56 -0.22
N THR C 28 -34.35 47.69 -1.54
CA THR C 28 -33.07 47.52 -2.20
C THR C 28 -32.06 48.57 -1.78
N GLU C 29 -32.54 49.71 -1.34
CA GLU C 29 -31.68 50.81 -0.91
C GLU C 29 -30.91 50.41 0.33
N LEU C 30 -31.61 49.75 1.24
CA LEU C 30 -31.01 49.24 2.46
C LEU C 30 -30.09 48.08 2.11
N ALA C 31 -30.66 47.05 1.48
CA ALA C 31 -29.91 45.88 1.03
C ALA C 31 -28.63 46.26 0.33
N ALA C 32 -28.67 47.34 -0.45
CA ALA C 32 -27.49 47.85 -1.14
C ALA C 32 -26.40 48.23 -0.14
N THR C 33 -26.79 48.98 0.88
CA THR C 33 -25.87 49.49 1.87
C THR C 33 -25.18 48.36 2.62
N MET C 34 -25.97 47.35 2.98
CA MET C 34 -25.45 46.15 3.63
C MET C 34 -24.47 45.44 2.73
N VAL C 35 -24.83 45.26 1.45
CA VAL C 35 -23.95 44.55 0.52
C VAL C 35 -22.63 45.29 0.34
N GLU C 36 -22.72 46.59 0.13
CA GLU C 36 -21.53 47.42 -0.07
C GLU C 36 -20.61 47.46 1.15
N LEU C 37 -21.15 47.14 2.33
CA LEU C 37 -20.35 47.08 3.55
C LEU C 37 -19.54 45.79 3.65
N GLY C 38 -20.21 44.67 3.38
CA GLY C 38 -19.64 43.37 3.63
C GLY C 38 -18.80 42.77 2.53
N LYS C 39 -18.87 43.36 1.34
CA LYS C 39 -18.21 42.80 0.16
C LYS C 39 -16.71 42.52 0.34
N ASP C 40 -16.08 43.21 1.28
CA ASP C 40 -14.64 43.11 1.48
C ASP C 40 -14.30 42.41 2.78
N LYS C 41 -15.27 42.30 3.68
CA LYS C 41 -15.09 41.64 4.96
C LYS C 41 -14.71 40.17 4.81
N ARG C 42 -13.77 39.72 5.64
CA ARG C 42 -13.31 38.33 5.64
C ARG C 42 -14.25 37.43 6.41
N ASN C 43 -14.73 37.92 7.53
CA ASN C 43 -15.49 37.08 8.44
C ASN C 43 -16.69 37.80 9.03
N PRO C 44 -17.72 37.05 9.42
CA PRO C 44 -18.95 37.62 9.96
C PRO C 44 -18.72 38.61 11.10
N ASP C 45 -17.68 38.43 11.87
CA ASP C 45 -17.43 39.33 13.00
C ASP C 45 -17.07 40.71 12.48
N GLU C 46 -16.30 40.74 11.40
CA GLU C 46 -15.98 41.98 10.72
C GLU C 46 -17.22 42.65 10.12
N LEU C 47 -18.00 41.86 9.39
CA LEU C 47 -19.26 42.33 8.80
C LEU C 47 -20.18 42.90 9.87
N ALA C 48 -20.26 42.20 11.00
CA ALA C 48 -21.11 42.61 12.12
C ALA C 48 -20.66 43.94 12.67
N GLU C 49 -19.36 44.17 12.67
CA GLU C 49 -18.79 45.41 13.19
C GLU C 49 -19.19 46.58 12.31
N ALA C 50 -19.14 46.37 10.99
CA ALA C 50 -19.47 47.41 10.02
C ALA C 50 -20.94 47.79 10.09
N LEU C 51 -21.78 46.85 10.52
CA LEU C 51 -23.20 47.14 10.63
C LEU C 51 -23.50 48.00 11.84
N ASP C 52 -22.80 47.74 12.93
CA ASP C 52 -23.06 48.44 14.17
C ASP C 52 -22.55 49.87 14.15
N GLU C 53 -21.91 50.24 13.05
CA GLU C 53 -21.45 51.62 12.86
C GLU C 53 -22.41 52.41 12.00
N ARG C 54 -22.90 51.79 10.93
CA ARG C 54 -23.69 52.50 9.94
C ARG C 54 -25.21 52.28 10.09
N LEU C 55 -25.58 51.17 10.71
CA LEU C 55 -26.98 50.83 10.92
C LEU C 55 -27.17 50.33 12.33
N GLY C 56 -26.52 51.00 13.27
CA GLY C 56 -26.37 50.51 14.63
C GLY C 56 -27.67 50.21 15.35
N ASP C 57 -28.68 51.04 15.09
CA ASP C 57 -29.94 50.98 15.80
C ASP C 57 -30.77 49.74 15.52
N PHE C 58 -30.29 48.93 14.57
CA PHE C 58 -31.01 47.74 14.13
C PHE C 58 -30.85 46.57 15.09
N ALA C 59 -29.63 46.38 15.55
CA ALA C 59 -29.28 45.22 16.37
C ALA C 59 -29.75 43.94 15.67
N PHE C 60 -29.03 43.58 14.61
CA PHE C 60 -29.30 42.37 13.85
C PHE C 60 -28.77 41.18 14.63
N PRO C 61 -29.59 40.12 14.77
CA PRO C 61 -29.16 38.89 15.46
C PRO C 61 -27.93 38.27 14.81
N ASP C 62 -27.24 37.40 15.52
CA ASP C 62 -26.06 36.77 14.96
C ASP C 62 -26.45 35.84 13.81
N GLU C 63 -27.58 35.15 13.98
CA GLU C 63 -28.13 34.31 12.91
C GLU C 63 -28.29 35.13 11.63
N PHE C 64 -28.86 36.32 11.74
CA PHE C 64 -29.07 37.17 10.56
C PHE C 64 -27.75 37.57 9.91
N VAL C 65 -26.88 38.19 10.69
CA VAL C 65 -25.57 38.64 10.21
C VAL C 65 -24.78 37.52 9.51
N PHE C 66 -24.87 36.31 10.06
CA PHE C 66 -24.30 35.13 9.42
C PHE C 66 -24.85 34.96 8.03
N ASP C 67 -26.17 34.97 7.95
CA ASP C 67 -26.87 34.67 6.72
C ASP C 67 -26.56 35.69 5.62
N VAL C 68 -26.42 36.96 6.00
CA VAL C 68 -26.02 38.01 5.08
C VAL C 68 -24.62 37.73 4.54
N TRP C 69 -23.67 37.54 5.44
CA TRP C 69 -22.29 37.28 5.07
C TRP C 69 -22.17 36.06 4.15
N GLY C 70 -22.97 35.06 4.42
CA GLY C 70 -23.05 33.91 3.54
C GLY C 70 -23.61 34.24 2.18
N ALA C 71 -24.63 35.10 2.14
CA ALA C 71 -25.29 35.46 0.89
C ALA C 71 -24.41 36.30 -0.02
N ILE C 72 -23.62 37.19 0.58
CA ILE C 72 -22.71 38.05 -0.18
C ILE C 72 -21.60 37.21 -0.79
N GLY C 73 -21.03 36.32 0.01
CA GLY C 73 -20.03 35.39 -0.49
C GLY C 73 -20.59 34.32 -1.43
N ASP C 74 -21.92 34.15 -1.43
CA ASP C 74 -22.58 33.21 -2.32
C ASP C 74 -22.61 33.73 -3.74
N ALA C 75 -22.86 35.03 -3.87
CA ALA C 75 -22.98 35.66 -5.17
C ALA C 75 -21.63 35.81 -5.83
N LYS C 76 -20.62 36.22 -5.05
CA LYS C 76 -19.23 36.27 -5.50
C LYS C 76 -18.85 35.04 -6.36
N VAL C 77 -19.26 33.86 -5.89
CA VAL C 77 -18.96 32.62 -6.57
C VAL C 77 -20.07 32.26 -7.56
N GLY C 78 -21.18 32.99 -7.51
CA GLY C 78 -22.28 32.74 -8.41
C GLY C 78 -23.18 31.58 -8.00
N ARG C 79 -23.90 31.75 -6.88
CA ARG C 79 -24.93 30.79 -6.50
C ARG C 79 -26.28 31.43 -6.81
N TYR C 80 -26.46 31.84 -8.05
CA TYR C 80 -27.71 32.48 -8.46
C TYR C 80 -28.08 32.11 -9.90
N HIS D 5 -37.76 35.23 27.33
CA HIS D 5 -37.51 34.94 25.92
C HIS D 5 -36.74 36.05 25.22
N ASP D 6 -35.78 35.66 24.38
CA ASP D 6 -35.03 36.60 23.55
C ASP D 6 -35.76 36.80 22.22
N LEU D 7 -36.72 37.70 22.21
CA LEU D 7 -37.63 37.84 21.08
C LEU D 7 -36.99 38.50 19.85
N SER D 8 -35.68 38.75 19.89
CA SER D 8 -35.00 39.38 18.76
C SER D 8 -34.59 38.36 17.71
N LYS D 9 -34.41 37.11 18.14
CA LYS D 9 -34.00 36.01 17.26
C LYS D 9 -35.18 35.51 16.43
N TRP D 10 -36.36 36.05 16.72
CA TRP D 10 -37.59 35.62 16.07
C TRP D 10 -37.70 36.13 14.64
N LYS D 11 -38.11 35.25 13.73
CA LYS D 11 -38.34 35.64 12.34
C LYS D 11 -39.69 36.29 12.21
N TYR D 12 -39.86 37.12 11.17
CA TYR D 12 -41.06 37.94 11.02
C TYR D 12 -42.33 37.09 10.97
N ALA D 13 -42.25 35.97 10.27
CA ALA D 13 -43.36 35.03 10.17
C ALA D 13 -43.77 34.48 11.54
N GLU D 14 -42.80 34.32 12.42
CA GLU D 14 -43.06 33.79 13.76
C GLU D 14 -43.87 34.80 14.55
N LEU D 15 -43.47 36.06 14.45
CA LEU D 15 -44.15 37.15 15.13
C LEU D 15 -45.62 37.23 14.71
N ARG D 16 -45.87 37.19 13.41
CA ARG D 16 -47.23 37.27 12.90
C ARG D 16 -48.05 36.03 13.29
N ASP D 17 -47.43 34.86 13.19
CA ASP D 17 -48.10 33.60 13.50
C ASP D 17 -48.30 33.42 14.99
N THR D 18 -47.54 34.14 15.79
CA THR D 18 -47.75 34.11 17.23
C THR D 18 -48.87 35.06 17.62
N ILE D 19 -48.95 36.19 16.90
CA ILE D 19 -49.84 37.27 17.33
C ILE D 19 -51.32 36.94 17.21
N ASN D 20 -51.73 36.35 16.08
CA ASN D 20 -53.13 36.04 15.85
C ASN D 20 -53.52 34.59 16.18
N THR D 21 -52.76 33.96 17.06
CA THR D 21 -53.03 32.59 17.48
C THR D 21 -52.95 32.44 19.00
N SER D 22 -51.80 32.78 19.55
CA SER D 22 -51.55 32.59 20.99
C SER D 22 -52.38 33.55 21.81
N CYS D 23 -52.77 33.10 23.00
CA CYS D 23 -53.64 33.89 23.87
C CYS D 23 -52.93 34.22 25.17
N ASP D 24 -51.62 34.01 25.19
CA ASP D 24 -50.76 34.41 26.28
C ASP D 24 -50.61 35.93 26.26
N ILE D 25 -51.45 36.63 27.01
CA ILE D 25 -51.53 38.09 26.88
C ILE D 25 -50.20 38.77 27.23
N GLU D 26 -49.54 38.27 28.27
CA GLU D 26 -48.25 38.80 28.70
C GLU D 26 -47.20 38.69 27.60
N LEU D 27 -47.28 37.59 26.84
CA LEU D 27 -46.36 37.30 25.73
C LEU D 27 -46.83 37.90 24.41
N LEU D 28 -48.15 37.91 24.22
CA LEU D 28 -48.76 38.43 23.01
C LEU D 28 -48.35 39.89 22.83
N ALA D 29 -48.22 40.59 23.94
CA ALA D 29 -47.86 42.00 23.91
C ALA D 29 -46.39 42.21 23.52
N ALA D 30 -45.53 41.26 23.91
CA ALA D 30 -44.11 41.37 23.59
C ALA D 30 -43.87 41.24 22.09
N CYS D 31 -44.65 40.39 21.43
CA CYS D 31 -44.56 40.22 19.98
C CYS D 31 -45.04 41.46 19.24
N ARG D 32 -46.09 42.08 19.75
CA ARG D 32 -46.55 43.33 19.18
C ARG D 32 -45.40 44.34 19.29
N GLU D 33 -44.74 44.35 20.44
CA GLU D 33 -43.71 45.34 20.71
C GLU D 33 -42.47 45.14 19.82
N GLU D 34 -42.02 43.89 19.70
CA GLU D 34 -40.89 43.57 18.83
C GLU D 34 -41.22 43.90 17.37
N PHE D 35 -42.43 43.52 16.97
CA PHE D 35 -42.93 43.79 15.62
C PHE D 35 -42.91 45.28 15.30
N HIS D 36 -43.25 46.10 16.29
CA HIS D 36 -43.22 47.55 16.12
C HIS D 36 -41.79 48.05 16.13
N ARG D 37 -40.97 47.46 16.99
CA ARG D 37 -39.59 47.90 17.17
C ARG D 37 -38.81 47.90 15.87
N ARG D 38 -38.97 46.83 15.08
CA ARG D 38 -38.20 46.70 13.85
C ARG D 38 -38.58 47.78 12.85
N LEU D 39 -39.83 47.74 12.38
CA LEU D 39 -40.37 48.75 11.47
C LEU D 39 -40.13 50.18 11.95
N LYS D 40 -40.06 50.36 13.26
CA LYS D 40 -39.69 51.63 13.86
C LYS D 40 -38.27 52.02 13.46
N VAL D 41 -37.32 51.11 13.65
CA VAL D 41 -35.93 51.43 13.37
C VAL D 41 -35.76 51.66 11.87
N TYR D 42 -36.51 50.91 11.06
CA TYR D 42 -36.49 51.10 9.62
C TYR D 42 -36.96 52.50 9.20
N HIS D 43 -38.13 52.89 9.69
CA HIS D 43 -38.71 54.19 9.37
C HIS D 43 -37.75 55.30 9.76
N ALA D 44 -37.10 55.12 10.90
CA ALA D 44 -36.09 56.05 11.38
C ALA D 44 -34.90 56.11 10.43
N TRP D 45 -34.58 54.99 9.80
CA TRP D 45 -33.44 54.94 8.91
C TRP D 45 -33.83 55.34 7.52
N LYS D 46 -35.09 55.11 7.15
CA LYS D 46 -35.51 55.36 5.77
C LYS D 46 -35.50 56.87 5.45
N SER D 47 -35.81 57.68 6.46
CA SER D 47 -35.86 59.14 6.31
C SER D 47 -34.49 59.82 6.31
N LYS D 48 -33.60 59.40 7.23
CA LYS D 48 -32.25 59.95 7.31
C LYS D 48 -31.42 59.59 6.07
N ASN D 49 -31.14 58.30 5.90
CA ASN D 49 -30.36 57.81 4.76
C ASN D 49 -31.22 57.49 3.53
N PHE E 7 13.16 -10.07 19.13
CA PHE E 7 13.25 -10.11 17.67
C PHE E 7 11.99 -9.57 17.04
N GLU E 8 10.88 -9.64 17.77
CA GLU E 8 9.65 -9.11 17.23
C GLU E 8 9.70 -7.58 17.29
N GLU E 9 10.42 -7.05 18.27
CA GLU E 9 10.61 -5.62 18.35
C GLU E 9 11.33 -5.17 17.11
N LYS E 10 12.30 -5.97 16.68
CA LYS E 10 13.07 -5.64 15.49
C LYS E 10 12.28 -5.97 14.21
N ALA E 11 11.14 -6.63 14.33
CA ALA E 11 10.25 -6.83 13.19
C ALA E 11 9.21 -5.72 13.12
N ILE E 12 8.83 -5.20 14.27
CA ILE E 12 7.87 -4.09 14.33
C ILE E 12 8.37 -2.90 13.54
N GLU E 13 9.63 -2.57 13.77
CA GLU E 13 10.25 -1.43 13.13
C GLU E 13 10.26 -1.58 11.63
N LYS E 14 10.42 -2.82 11.16
CA LYS E 14 10.51 -3.10 9.74
C LYS E 14 9.12 -3.04 9.12
N VAL E 15 8.15 -3.63 9.81
CA VAL E 15 6.76 -3.59 9.36
C VAL E 15 6.27 -2.15 9.33
N ASP E 16 6.55 -1.43 10.41
CA ASP E 16 6.07 -0.06 10.58
C ASP E 16 6.43 0.82 9.39
N ASP E 17 7.64 0.65 8.88
CA ASP E 17 8.09 1.39 7.71
C ASP E 17 7.23 1.09 6.50
N LEU E 18 6.82 -0.17 6.37
CA LEU E 18 5.92 -0.55 5.28
C LEU E 18 4.60 0.20 5.40
N LEU E 19 4.18 0.48 6.62
CA LEU E 19 2.92 1.20 6.86
C LEU E 19 3.04 2.64 6.41
N GLU E 20 4.22 3.22 6.59
CA GLU E 20 4.44 4.60 6.21
C GLU E 20 4.44 4.74 4.70
N SER E 21 5.12 3.84 4.02
CA SER E 21 5.21 3.91 2.58
C SER E 21 3.84 3.71 1.93
N TYR E 22 2.93 3.07 2.65
CA TYR E 22 1.65 2.70 2.07
C TYR E 22 0.50 3.60 2.51
N MET E 23 0.49 3.98 3.78
CA MET E 23 -0.61 4.78 4.32
C MET E 23 -0.14 6.13 4.85
N GLY E 24 1.16 6.36 4.83
CA GLY E 24 1.70 7.62 5.32
C GLY E 24 1.49 7.77 6.80
N ILE E 25 1.30 6.65 7.48
CA ILE E 25 1.14 6.62 8.93
C ILE E 25 2.20 5.78 9.58
N ARG E 26 2.26 5.89 10.90
CA ARG E 26 3.26 5.17 11.65
C ARG E 26 2.73 4.92 13.05
N ASP E 27 2.27 3.70 13.29
CA ASP E 27 1.67 3.35 14.56
C ASP E 27 2.23 2.02 15.03
N THR E 28 3.01 2.05 16.09
CA THR E 28 3.67 0.84 16.56
C THR E 28 2.66 -0.19 17.07
N GLU E 29 1.55 0.28 17.64
CA GLU E 29 0.53 -0.64 18.13
C GLU E 29 -0.08 -1.45 17.01
N LEU E 30 -0.30 -0.82 15.88
CA LEU E 30 -0.83 -1.50 14.71
C LEU E 30 0.19 -2.53 14.24
N ALA E 31 1.44 -2.10 14.09
CA ALA E 31 2.49 -2.97 13.57
C ALA E 31 2.80 -4.12 14.55
N ALA E 32 2.79 -3.82 15.85
CA ALA E 32 2.95 -4.86 16.85
C ALA E 32 1.85 -5.90 16.66
N THR E 33 0.60 -5.43 16.56
CA THR E 33 -0.54 -6.33 16.37
C THR E 33 -0.42 -7.13 15.09
N MET E 34 0.31 -6.61 14.11
CA MET E 34 0.51 -7.36 12.88
C MET E 34 1.63 -8.36 13.04
N VAL E 35 2.76 -7.94 13.59
CA VAL E 35 3.86 -8.88 13.78
C VAL E 35 3.37 -10.06 14.60
N GLU E 36 2.88 -9.79 15.80
CA GLU E 36 2.38 -10.85 16.70
C GLU E 36 1.28 -11.72 16.08
N LEU E 37 0.76 -11.30 14.93
CA LEU E 37 -0.32 -12.00 14.26
C LEU E 37 0.19 -12.87 13.12
N GLY E 38 1.37 -12.51 12.60
CA GLY E 38 1.90 -13.20 11.45
C GLY E 38 3.13 -14.05 11.69
N LYS E 39 3.76 -13.90 12.85
CA LYS E 39 5.09 -14.49 13.07
C LYS E 39 5.09 -16.00 13.03
N ASP E 40 3.93 -16.61 13.28
CA ASP E 40 3.83 -18.06 13.30
C ASP E 40 3.14 -18.64 12.06
N LYS E 41 2.62 -17.80 11.17
CA LYS E 41 1.97 -18.29 9.95
C LYS E 41 3.01 -18.81 8.96
N ARG E 42 2.65 -19.79 8.14
CA ARG E 42 3.66 -20.45 7.31
C ARG E 42 3.63 -20.04 5.83
N ASN E 43 2.79 -19.08 5.48
CA ASN E 43 2.71 -18.55 4.11
C ASN E 43 1.83 -17.30 4.05
N PRO E 44 1.99 -16.47 3.01
CA PRO E 44 1.21 -15.24 2.91
C PRO E 44 -0.31 -15.43 3.00
N ASP E 45 -0.84 -16.52 2.45
CA ASP E 45 -2.28 -16.76 2.47
C ASP E 45 -2.86 -16.92 3.88
N GLU E 46 -2.04 -17.43 4.80
CA GLU E 46 -2.47 -17.58 6.20
C GLU E 46 -2.28 -16.29 6.97
N LEU E 47 -1.25 -15.51 6.64
CA LEU E 47 -1.11 -14.19 7.23
C LEU E 47 -2.16 -13.26 6.68
N ALA E 48 -2.51 -13.43 5.41
CA ALA E 48 -3.53 -12.59 4.79
C ALA E 48 -4.88 -12.89 5.42
N GLU E 49 -5.15 -14.17 5.62
CA GLU E 49 -6.42 -14.61 6.21
C GLU E 49 -6.57 -14.19 7.67
N ALA E 50 -5.52 -14.41 8.45
CA ALA E 50 -5.53 -14.00 9.86
C ALA E 50 -5.50 -12.48 9.97
N LEU E 51 -5.05 -11.80 8.91
CA LEU E 51 -5.07 -10.34 8.87
C LEU E 51 -6.50 -9.81 8.71
N ASP E 52 -7.36 -10.65 8.16
CA ASP E 52 -8.76 -10.30 7.95
C ASP E 52 -9.59 -10.58 9.18
N GLU E 53 -8.97 -11.15 10.21
CA GLU E 53 -9.73 -11.48 11.40
C GLU E 53 -9.63 -10.42 12.47
N ARG E 54 -8.45 -9.88 12.69
CA ARG E 54 -8.29 -8.85 13.71
C ARG E 54 -8.17 -7.44 13.11
N LEU E 55 -8.09 -7.37 11.79
CA LEU E 55 -7.98 -6.11 11.07
C LEU E 55 -8.79 -6.17 9.79
N GLY E 56 -9.98 -6.74 9.88
CA GLY E 56 -10.72 -7.17 8.70
C GLY E 56 -10.78 -6.20 7.54
N ASP E 57 -11.31 -5.01 7.81
CA ASP E 57 -11.76 -4.13 6.75
C ASP E 57 -10.64 -3.49 5.94
N PHE E 58 -9.40 -3.90 6.21
CA PHE E 58 -8.24 -3.17 5.68
C PHE E 58 -8.00 -3.30 4.17
N ALA E 59 -8.30 -4.48 3.62
CA ALA E 59 -8.11 -4.75 2.19
C ALA E 59 -6.72 -4.35 1.69
N PHE E 60 -5.70 -4.87 2.36
CA PHE E 60 -4.32 -4.72 1.96
C PHE E 60 -4.02 -5.40 0.62
N PRO E 61 -3.29 -4.71 -0.26
CA PRO E 61 -2.86 -5.29 -1.55
C PRO E 61 -1.97 -6.52 -1.34
N ASP E 62 -2.07 -7.50 -2.23
CA ASP E 62 -1.26 -8.71 -2.12
C ASP E 62 0.23 -8.38 -2.03
N GLU E 63 0.65 -7.32 -2.72
CA GLU E 63 2.05 -6.94 -2.69
C GLU E 63 2.47 -6.36 -1.33
N PHE E 64 1.50 -5.93 -0.55
CA PHE E 64 1.78 -5.43 0.78
C PHE E 64 1.87 -6.58 1.78
N VAL E 65 0.83 -7.43 1.79
CA VAL E 65 0.83 -8.65 2.59
C VAL E 65 2.16 -9.36 2.39
N PHE E 66 2.56 -9.50 1.12
CA PHE E 66 3.83 -10.13 0.76
C PHE E 66 5.02 -9.51 1.48
N ASP E 67 5.21 -8.21 1.32
CA ASP E 67 6.39 -7.57 1.90
C ASP E 67 6.34 -7.56 3.42
N VAL E 68 5.14 -7.70 3.99
CA VAL E 68 5.00 -7.85 5.44
C VAL E 68 5.50 -9.23 5.86
N TRP E 69 4.99 -10.27 5.18
CA TRP E 69 5.42 -11.64 5.44
C TRP E 69 6.92 -11.76 5.31
N GLY E 70 7.48 -11.11 4.30
CA GLY E 70 8.92 -11.07 4.15
C GLY E 70 9.65 -10.34 5.27
N ALA E 71 9.08 -9.21 5.72
CA ALA E 71 9.76 -8.36 6.70
C ALA E 71 9.88 -9.03 8.05
N ILE E 72 8.95 -9.93 8.34
CA ILE E 72 9.00 -10.66 9.60
C ILE E 72 10.04 -11.78 9.48
N GLY E 73 10.00 -12.51 8.38
CA GLY E 73 11.03 -13.49 8.07
C GLY E 73 12.43 -12.90 8.21
N ASP E 74 12.60 -11.68 7.73
CA ASP E 74 13.89 -10.97 7.85
C ASP E 74 14.29 -10.72 9.29
N ALA E 75 13.33 -10.57 10.18
CA ALA E 75 13.66 -10.27 11.56
C ALA E 75 14.14 -11.52 12.26
N LYS E 76 13.54 -12.65 11.89
CA LYS E 76 13.88 -13.94 12.49
C LYS E 76 15.32 -14.34 12.20
N VAL E 77 15.74 -14.12 10.96
CA VAL E 77 17.09 -14.47 10.52
C VAL E 77 18.16 -13.47 11.02
N GLY E 78 17.79 -12.21 11.17
CA GLY E 78 18.71 -11.22 11.71
C GLY E 78 19.08 -10.16 10.68
N ARG E 79 18.23 -10.03 9.66
CA ARG E 79 18.41 -9.04 8.61
C ARG E 79 18.18 -7.62 9.09
N TYR E 80 19.25 -7.01 9.60
CA TYR E 80 19.25 -5.62 10.05
C TYR E 80 20.65 -5.19 10.48
N ASP F 6 -5.49 0.19 -11.72
CA ASP F 6 -5.95 -0.01 -10.35
C ASP F 6 -5.04 0.68 -9.33
N LEU F 7 -5.64 1.53 -8.50
CA LEU F 7 -4.90 2.32 -7.53
C LEU F 7 -4.60 1.57 -6.24
N SER F 8 -5.15 0.37 -6.13
CA SER F 8 -4.95 -0.44 -4.92
C SER F 8 -3.47 -0.75 -4.70
N LYS F 9 -2.71 -0.92 -5.76
CA LYS F 9 -1.29 -1.22 -5.62
C LYS F 9 -0.41 0.04 -5.70
N TRP F 10 -0.93 1.18 -5.27
CA TRP F 10 -0.17 2.44 -5.31
C TRP F 10 0.51 2.82 -3.99
N LYS F 11 1.66 3.49 -4.08
CA LYS F 11 2.39 3.94 -2.89
C LYS F 11 1.88 5.31 -2.43
N TYR F 12 1.90 5.56 -1.13
CA TYR F 12 1.32 6.77 -0.51
C TYR F 12 1.89 8.07 -1.07
N ALA F 13 3.20 8.04 -1.36
CA ALA F 13 3.85 9.16 -2.00
C ALA F 13 3.28 9.36 -3.40
N GLU F 14 3.05 8.25 -4.11
CA GLU F 14 2.46 8.28 -5.45
C GLU F 14 1.07 8.87 -5.44
N LEU F 15 0.38 8.77 -4.31
CA LEU F 15 -0.95 9.34 -4.15
C LEU F 15 -0.85 10.85 -3.90
N ARG F 16 0.08 11.25 -3.06
CA ARG F 16 0.22 12.67 -2.69
C ARG F 16 0.94 13.49 -3.74
N ASP F 17 1.81 12.85 -4.50
CA ASP F 17 2.49 13.53 -5.58
C ASP F 17 1.48 13.83 -6.69
N THR F 18 0.50 12.94 -6.87
CA THR F 18 -0.49 13.14 -7.93
C THR F 18 -1.46 14.25 -7.58
N ILE F 19 -1.76 14.43 -6.31
CA ILE F 19 -2.86 15.29 -5.95
C ILE F 19 -2.58 16.76 -6.27
N ASN F 20 -1.38 17.23 -5.95
CA ASN F 20 -1.09 18.65 -6.16
C ASN F 20 -0.31 18.95 -7.45
N THR F 21 -0.28 17.98 -8.35
CA THR F 21 0.47 18.13 -9.61
C THR F 21 -0.38 17.83 -10.84
N SER F 22 -0.99 16.64 -10.88
CA SER F 22 -1.77 16.23 -12.03
C SER F 22 -3.04 17.04 -12.20
N CYS F 23 -3.35 17.32 -13.46
CA CYS F 23 -4.56 18.05 -13.84
C CYS F 23 -5.56 17.09 -14.50
N ASP F 24 -5.30 15.79 -14.39
CA ASP F 24 -6.29 14.80 -14.79
C ASP F 24 -7.35 14.75 -13.71
N ILE F 25 -8.52 15.27 -14.06
CA ILE F 25 -9.59 15.45 -13.09
C ILE F 25 -10.26 14.12 -12.74
N GLU F 26 -10.33 13.21 -13.71
CA GLU F 26 -10.97 11.93 -13.49
C GLU F 26 -10.11 11.02 -12.62
N LEU F 27 -8.80 11.28 -12.63
CA LEU F 27 -7.87 10.49 -11.85
C LEU F 27 -7.66 11.12 -10.48
N LEU F 28 -7.69 12.45 -10.44
CA LEU F 28 -7.57 13.20 -9.21
C LEU F 28 -8.68 12.80 -8.23
N ALA F 29 -9.82 12.38 -8.78
CA ALA F 29 -10.92 11.87 -7.97
C ALA F 29 -10.65 10.46 -7.45
N ALA F 30 -9.89 9.68 -8.21
CA ALA F 30 -9.59 8.33 -7.77
C ALA F 30 -8.40 8.35 -6.83
N CYS F 31 -7.59 9.40 -6.91
CA CYS F 31 -6.44 9.54 -6.01
C CYS F 31 -6.80 10.28 -4.72
N ARG F 32 -7.62 11.30 -4.83
CA ARG F 32 -8.21 11.94 -3.66
C ARG F 32 -8.89 10.85 -2.81
N GLU F 33 -9.61 9.97 -3.49
CA GLU F 33 -10.43 8.97 -2.82
C GLU F 33 -9.62 7.83 -2.20
N GLU F 34 -8.72 7.23 -2.97
CA GLU F 34 -7.88 6.16 -2.46
C GLU F 34 -7.19 6.58 -1.17
N PHE F 35 -6.67 7.81 -1.19
CA PHE F 35 -6.07 8.41 -0.01
C PHE F 35 -7.01 8.38 1.19
N HIS F 36 -8.26 8.79 0.98
CA HIS F 36 -9.23 8.89 2.06
C HIS F 36 -9.65 7.55 2.61
N ARG F 37 -9.74 6.57 1.73
CA ARG F 37 -10.11 5.22 2.16
C ARG F 37 -9.02 4.63 3.03
N ARG F 38 -7.76 4.84 2.65
CA ARG F 38 -6.66 4.26 3.38
C ARG F 38 -6.61 4.78 4.81
N LEU F 39 -6.96 6.04 4.99
CA LEU F 39 -7.04 6.58 6.34
C LEU F 39 -8.41 6.32 6.96
N LYS F 40 -9.44 6.06 6.14
CA LYS F 40 -10.77 5.77 6.68
C LYS F 40 -10.82 4.43 7.35
N VAL F 41 -10.05 3.48 6.84
CA VAL F 41 -10.00 2.15 7.41
C VAL F 41 -9.06 2.11 8.61
N TYR F 42 -7.98 2.88 8.53
CA TYR F 42 -7.03 2.95 9.63
C TYR F 42 -7.68 3.56 10.84
N HIS F 43 -8.42 4.65 10.62
CA HIS F 43 -9.12 5.31 11.70
C HIS F 43 -10.20 4.40 12.25
N ALA F 44 -10.76 3.59 11.37
CA ALA F 44 -11.77 2.62 11.75
C ALA F 44 -11.19 1.62 12.75
N TRP F 45 -10.15 0.90 12.32
CA TRP F 45 -9.48 -0.04 13.20
C TRP F 45 -9.08 0.57 14.52
N LYS F 46 -8.70 1.84 14.49
CA LYS F 46 -8.05 2.47 15.63
C LYS F 46 -9.06 2.95 16.69
N SER F 47 -10.32 3.09 16.31
CA SER F 47 -11.33 3.59 17.22
C SER F 47 -12.01 2.47 17.99
N LYS F 48 -11.93 1.25 17.47
CA LYS F 48 -12.44 0.11 18.23
C LYS F 48 -11.30 -0.56 19.03
N ASN F 49 -10.16 -0.80 18.37
CA ASN F 49 -8.97 -1.32 19.07
C ASN F 49 -8.18 -0.20 19.71
N PHE G 7 11.98 -43.66 2.17
CA PHE G 7 12.13 -43.56 0.72
C PHE G 7 11.58 -42.22 0.21
N GLU G 8 10.36 -41.90 0.61
CA GLU G 8 9.67 -40.71 0.13
C GLU G 8 9.49 -39.73 1.28
N GLU G 9 9.42 -40.26 2.49
CA GLU G 9 9.27 -39.43 3.68
C GLU G 9 10.50 -38.56 3.84
N LYS G 10 11.66 -39.11 3.51
CA LYS G 10 12.92 -38.38 3.57
C LYS G 10 13.16 -37.64 2.25
N ALA G 11 12.60 -38.17 1.17
CA ALA G 11 12.66 -37.52 -0.14
C ALA G 11 11.98 -36.15 -0.10
N ILE G 12 10.75 -36.13 0.43
CA ILE G 12 9.98 -34.90 0.55
C ILE G 12 10.69 -33.87 1.42
N GLU G 13 11.11 -34.29 2.60
CA GLU G 13 11.68 -33.38 3.59
C GLU G 13 12.85 -32.56 3.03
N LYS G 14 13.69 -33.20 2.22
CA LYS G 14 14.86 -32.53 1.65
C LYS G 14 14.48 -31.62 0.47
N VAL G 15 13.54 -32.08 -0.36
CA VAL G 15 13.02 -31.29 -1.48
C VAL G 15 12.19 -30.10 -1.01
N ASP G 16 11.30 -30.38 -0.07
CA ASP G 16 10.52 -29.35 0.60
C ASP G 16 11.46 -28.30 1.19
N ASP G 17 12.60 -28.75 1.71
CA ASP G 17 13.62 -27.87 2.27
C ASP G 17 14.22 -26.94 1.21
N LEU G 18 14.20 -27.41 -0.04
CA LEU G 18 14.77 -26.68 -1.16
C LEU G 18 13.88 -25.54 -1.62
N LEU G 19 12.59 -25.65 -1.32
CA LEU G 19 11.65 -24.57 -1.59
C LEU G 19 11.96 -23.40 -0.65
N GLU G 20 12.07 -23.71 0.63
CA GLU G 20 12.29 -22.71 1.67
C GLU G 20 13.56 -21.89 1.46
N SER G 21 14.47 -22.39 0.63
CA SER G 21 15.72 -21.67 0.35
C SER G 21 15.61 -20.82 -0.90
N TYR G 22 14.56 -21.07 -1.68
CA TYR G 22 14.36 -20.43 -2.97
C TYR G 22 13.19 -19.45 -2.97
N MET G 23 12.13 -19.86 -2.30
CA MET G 23 10.83 -19.23 -2.40
C MET G 23 10.39 -18.60 -1.08
N GLY G 24 10.96 -19.10 0.02
CA GLY G 24 10.71 -18.57 1.35
C GLY G 24 9.61 -19.28 2.10
N ILE G 25 8.66 -19.85 1.35
CA ILE G 25 7.57 -20.60 1.93
C ILE G 25 7.91 -22.08 1.95
N ARG G 26 7.06 -22.87 2.61
CA ARG G 26 7.30 -24.30 2.78
C ARG G 26 6.00 -25.05 2.61
N ASP G 27 5.92 -25.90 1.58
CA ASP G 27 4.70 -26.66 1.31
C ASP G 27 5.03 -28.13 1.10
N THR G 28 4.63 -28.96 2.05
CA THR G 28 4.87 -30.40 1.93
C THR G 28 4.05 -30.99 0.79
N GLU G 29 2.82 -30.54 0.63
CA GLU G 29 1.93 -31.06 -0.42
C GLU G 29 2.51 -30.83 -1.81
N LEU G 30 3.02 -29.62 -2.04
CA LEU G 30 3.59 -29.25 -3.33
C LEU G 30 4.91 -29.95 -3.60
N ALA G 31 5.73 -30.07 -2.56
CA ALA G 31 7.02 -30.74 -2.70
C ALA G 31 6.84 -32.23 -2.99
N ALA G 32 5.85 -32.84 -2.35
CA ALA G 32 5.52 -34.23 -2.60
C ALA G 32 5.13 -34.41 -4.07
N THR G 33 4.36 -33.46 -4.59
CA THR G 33 3.94 -33.50 -5.99
C THR G 33 5.18 -33.49 -6.90
N MET G 34 6.21 -32.76 -6.49
CA MET G 34 7.45 -32.71 -7.27
C MET G 34 8.22 -34.03 -7.22
N VAL G 35 8.35 -34.62 -6.03
CA VAL G 35 9.09 -35.87 -5.86
C VAL G 35 8.41 -37.01 -6.60
N GLU G 36 7.08 -37.03 -6.54
CA GLU G 36 6.27 -38.03 -7.23
C GLU G 36 6.36 -37.83 -8.74
N LEU G 37 6.81 -36.65 -9.15
CA LEU G 37 6.93 -36.30 -10.56
C LEU G 37 8.34 -36.58 -11.09
N GLY G 38 9.27 -36.94 -10.21
CA GLY G 38 10.64 -37.15 -10.61
C GLY G 38 11.23 -38.52 -10.30
N LYS G 39 10.50 -39.32 -9.54
CA LYS G 39 10.98 -40.61 -9.04
C LYS G 39 11.40 -41.57 -10.16
N ASP G 40 10.64 -41.57 -11.24
CA ASP G 40 10.85 -42.52 -12.34
C ASP G 40 11.73 -41.93 -13.44
N LYS G 41 12.02 -40.64 -13.35
CA LYS G 41 12.78 -39.94 -14.40
C LYS G 41 14.24 -40.40 -14.49
N ARG G 42 14.92 -40.00 -15.56
CA ARG G 42 16.27 -40.48 -15.87
C ARG G 42 17.34 -39.38 -15.83
N ASN G 43 16.93 -38.13 -15.94
CA ASN G 43 17.86 -37.00 -15.94
C ASN G 43 17.12 -35.69 -15.61
N PRO G 44 17.88 -34.63 -15.24
CA PRO G 44 17.24 -33.36 -14.85
C PRO G 44 16.45 -32.69 -15.97
N ASP G 45 16.82 -32.94 -17.22
CA ASP G 45 16.08 -32.36 -18.33
C ASP G 45 14.67 -32.95 -18.43
N GLU G 46 14.53 -34.23 -18.07
CA GLU G 46 13.23 -34.89 -18.06
C GLU G 46 12.40 -34.46 -16.86
N LEU G 47 13.07 -33.94 -15.84
CA LEU G 47 12.37 -33.36 -14.70
C LEU G 47 11.83 -31.99 -15.07
N ALA G 48 12.64 -31.23 -15.82
CA ALA G 48 12.26 -29.89 -16.25
C ALA G 48 11.08 -29.92 -17.21
N GLU G 49 10.98 -30.99 -17.98
CA GLU G 49 9.86 -31.17 -18.91
C GLU G 49 8.58 -31.54 -18.13
N ALA G 50 8.73 -32.46 -17.19
CA ALA G 50 7.60 -32.89 -16.36
C ALA G 50 7.16 -31.80 -15.40
N LEU G 51 8.12 -30.95 -15.00
CA LEU G 51 7.79 -29.86 -14.09
C LEU G 51 6.92 -28.83 -14.79
N ASP G 52 7.29 -28.48 -16.03
CA ASP G 52 6.60 -27.43 -16.76
C ASP G 52 5.21 -27.85 -17.24
N GLU G 53 4.97 -29.14 -17.28
CA GLU G 53 3.64 -29.68 -17.59
C GLU G 53 2.61 -29.19 -16.57
N ARG G 54 2.98 -29.19 -15.30
CA ARG G 54 2.07 -28.83 -14.24
C ARG G 54 2.44 -27.49 -13.60
N LEU G 55 3.70 -27.35 -13.21
CA LEU G 55 4.16 -26.15 -12.53
C LEU G 55 5.06 -25.30 -13.41
N GLY G 56 4.53 -24.91 -14.57
CA GLY G 56 5.32 -24.18 -15.56
C GLY G 56 5.45 -22.70 -15.31
N ASP G 57 4.48 -22.12 -14.60
CA ASP G 57 4.47 -20.68 -14.37
C ASP G 57 5.45 -20.25 -13.28
N PHE G 58 6.02 -21.22 -12.58
CA PHE G 58 7.02 -20.93 -11.56
C PHE G 58 8.32 -20.44 -12.17
N ALA G 59 8.63 -20.94 -13.36
CA ALA G 59 9.87 -20.62 -14.06
C ALA G 59 11.09 -20.92 -13.19
N PHE G 60 11.15 -22.14 -12.68
CA PHE G 60 12.28 -22.59 -11.87
C PHE G 60 13.58 -22.41 -12.64
N PRO G 61 14.63 -21.93 -11.96
CA PRO G 61 15.94 -21.80 -12.61
C PRO G 61 16.51 -23.18 -12.91
N ASP G 62 17.47 -23.27 -13.81
CA ASP G 62 18.08 -24.55 -14.09
C ASP G 62 18.63 -25.15 -12.80
N GLU G 63 19.37 -24.34 -12.04
CA GLU G 63 20.04 -24.81 -10.83
C GLU G 63 19.12 -25.48 -9.82
N PHE G 64 17.91 -24.95 -9.70
CA PHE G 64 16.91 -25.53 -8.82
C PHE G 64 16.56 -26.95 -9.28
N VAL G 65 16.32 -27.11 -10.57
CA VAL G 65 15.99 -28.43 -11.10
C VAL G 65 17.12 -29.40 -10.78
N PHE G 66 18.36 -28.90 -10.81
CA PHE G 66 19.53 -29.71 -10.48
C PHE G 66 19.56 -30.15 -9.02
N ASP G 67 19.23 -29.24 -8.12
CA ASP G 67 19.29 -29.55 -6.70
C ASP G 67 18.23 -30.59 -6.35
N VAL G 68 17.04 -30.43 -6.91
CA VAL G 68 15.95 -31.38 -6.70
C VAL G 68 16.29 -32.76 -7.27
N TRP G 69 16.83 -32.78 -8.48
CA TRP G 69 17.30 -34.00 -9.10
C TRP G 69 18.19 -34.81 -8.15
N GLY G 70 19.15 -34.12 -7.55
CA GLY G 70 20.04 -34.74 -6.58
C GLY G 70 19.34 -35.20 -5.32
N ALA G 71 18.48 -34.34 -4.78
CA ALA G 71 17.76 -34.66 -3.54
C ALA G 71 16.92 -35.93 -3.68
N ILE G 72 16.14 -36.02 -4.76
CA ILE G 72 15.30 -37.19 -4.99
C ILE G 72 16.16 -38.44 -5.10
N GLY G 73 17.28 -38.29 -5.78
CA GLY G 73 18.23 -39.38 -5.91
C GLY G 73 18.84 -39.78 -4.57
N ASP G 74 18.97 -38.82 -3.68
CA ASP G 74 19.55 -39.08 -2.36
C ASP G 74 18.64 -39.96 -1.50
N ALA G 75 17.38 -40.07 -1.90
CA ALA G 75 16.40 -40.88 -1.16
C ALA G 75 16.52 -42.35 -1.52
N LYS G 76 16.77 -42.61 -2.80
CA LYS G 76 16.95 -43.97 -3.30
C LYS G 76 18.21 -44.62 -2.73
N VAL G 77 19.18 -43.79 -2.35
CA VAL G 77 20.44 -44.24 -1.76
C VAL G 77 20.36 -44.35 -0.24
N GLY G 78 19.79 -43.31 0.37
CA GLY G 78 19.76 -43.17 1.82
C GLY G 78 20.74 -42.13 2.34
N ARG G 79 20.93 -41.06 1.57
CA ARG G 79 21.86 -39.99 1.95
C ARG G 79 21.23 -38.96 2.88
N TYR G 80 21.12 -39.33 4.15
CA TYR G 80 20.49 -38.46 5.16
C TYR G 80 21.15 -38.64 6.54
N HIS H 5 20.62 -8.45 -15.42
CA HIS H 5 20.71 -9.84 -14.95
C HIS H 5 19.46 -10.64 -15.27
N ASP H 6 19.56 -11.96 -15.10
CA ASP H 6 18.38 -12.82 -15.06
C ASP H 6 18.15 -13.22 -13.61
N LEU H 7 17.14 -12.63 -12.99
CA LEU H 7 16.92 -12.78 -11.55
C LEU H 7 16.13 -14.03 -11.19
N SER H 8 15.68 -14.77 -12.19
CA SER H 8 14.92 -15.99 -11.95
C SER H 8 15.74 -17.06 -11.22
N LYS H 9 17.07 -16.90 -11.25
CA LYS H 9 17.96 -17.94 -10.71
C LYS H 9 18.49 -17.62 -9.30
N TRP H 10 18.10 -16.47 -8.76
CA TRP H 10 18.54 -16.05 -7.43
C TRP H 10 17.90 -16.86 -6.31
N LYS H 11 18.68 -17.17 -5.27
CA LYS H 11 18.16 -17.81 -4.07
C LYS H 11 17.31 -16.80 -3.29
N TYR H 12 16.59 -17.26 -2.28
CA TYR H 12 15.73 -16.37 -1.50
C TYR H 12 16.56 -15.33 -0.73
N ALA H 13 17.42 -15.79 0.18
CA ALA H 13 18.19 -14.91 1.06
C ALA H 13 19.08 -13.92 0.31
N GLU H 14 19.35 -14.21 -0.96
CA GLU H 14 20.12 -13.29 -1.80
C GLU H 14 19.26 -12.09 -2.14
N LEU H 15 17.98 -12.36 -2.41
CA LEU H 15 17.02 -11.32 -2.67
C LEU H 15 16.81 -10.47 -1.41
N ARG H 16 16.47 -11.10 -0.29
CA ARG H 16 16.13 -10.36 0.94
C ARG H 16 17.31 -9.55 1.47
N ASP H 17 18.52 -10.05 1.29
CA ASP H 17 19.70 -9.31 1.73
C ASP H 17 20.01 -8.17 0.78
N THR H 18 19.65 -8.32 -0.50
CA THR H 18 19.81 -7.23 -1.46
C THR H 18 18.79 -6.13 -1.20
N ILE H 19 17.66 -6.52 -0.62
CA ILE H 19 16.54 -5.61 -0.46
C ILE H 19 16.77 -4.60 0.67
N ASN H 20 17.20 -5.06 1.85
CA ASN H 20 17.41 -4.13 2.95
C ASN H 20 18.88 -3.72 3.12
N THR H 21 19.62 -3.73 2.02
CA THR H 21 20.99 -3.25 2.02
C THR H 21 21.28 -2.34 0.86
N SER H 22 21.31 -2.91 -0.34
CA SER H 22 21.71 -2.21 -1.56
C SER H 22 20.97 -0.88 -1.72
N CYS H 23 21.73 0.14 -2.07
CA CYS H 23 21.18 1.47 -2.33
C CYS H 23 20.81 1.63 -3.80
N ASP H 24 21.23 0.67 -4.63
CA ASP H 24 20.93 0.69 -6.06
C ASP H 24 19.42 0.64 -6.31
N ILE H 25 18.87 1.76 -6.78
CA ILE H 25 17.42 1.88 -6.97
C ILE H 25 16.86 0.90 -7.98
N GLU H 26 17.53 0.81 -9.13
CA GLU H 26 17.07 -0.03 -10.24
C GLU H 26 16.91 -1.49 -9.83
N LEU H 27 17.97 -2.05 -9.24
CA LEU H 27 17.99 -3.43 -8.79
C LEU H 27 16.96 -3.71 -7.69
N LEU H 28 16.79 -2.74 -6.80
CA LEU H 28 15.89 -2.86 -5.66
C LEU H 28 14.50 -3.28 -6.13
N ALA H 29 13.92 -2.52 -7.04
CA ALA H 29 12.59 -2.83 -7.58
C ALA H 29 12.58 -4.19 -8.28
N ALA H 30 13.70 -4.57 -8.87
CA ALA H 30 13.83 -5.87 -9.53
C ALA H 30 13.76 -7.00 -8.51
N CYS H 31 14.39 -6.79 -7.36
CA CYS H 31 14.34 -7.75 -6.27
C CYS H 31 12.95 -7.81 -5.63
N ARG H 32 12.32 -6.65 -5.50
CA ARG H 32 11.00 -6.57 -4.88
C ARG H 32 9.93 -7.13 -5.82
N GLU H 33 10.16 -7.04 -7.14
CA GLU H 33 9.21 -7.58 -8.10
C GLU H 33 9.32 -9.10 -8.18
N GLU H 34 10.54 -9.58 -8.38
CA GLU H 34 10.81 -11.01 -8.41
C GLU H 34 10.28 -11.68 -7.14
N PHE H 35 10.43 -10.98 -6.01
CA PHE H 35 9.93 -11.44 -4.73
C PHE H 35 8.45 -11.79 -4.80
N HIS H 36 7.65 -10.88 -5.33
CA HIS H 36 6.21 -11.08 -5.44
C HIS H 36 5.85 -12.19 -6.40
N ARG H 37 6.57 -12.26 -7.52
CA ARG H 37 6.28 -13.26 -8.54
C ARG H 37 6.29 -14.67 -7.93
N ARG H 38 7.29 -14.93 -7.09
CA ARG H 38 7.40 -16.23 -6.42
C ARG H 38 6.13 -16.52 -5.61
N LEU H 39 5.79 -15.61 -4.70
CA LEU H 39 4.60 -15.77 -3.88
C LEU H 39 3.30 -15.66 -4.70
N LYS H 40 3.40 -15.04 -5.89
CA LYS H 40 2.27 -14.97 -6.82
C LYS H 40 1.83 -16.36 -7.27
N VAL H 41 2.75 -17.06 -7.92
CA VAL H 41 2.44 -18.35 -8.51
C VAL H 41 2.09 -19.40 -7.46
N TYR H 42 2.73 -19.34 -6.31
CA TYR H 42 2.41 -20.28 -5.23
C TYR H 42 0.97 -20.08 -4.77
N HIS H 43 0.62 -18.83 -4.47
CA HIS H 43 -0.75 -18.50 -4.08
C HIS H 43 -1.73 -18.98 -5.14
N ALA H 44 -1.37 -18.75 -6.41
CA ALA H 44 -2.17 -19.22 -7.53
C ALA H 44 -2.35 -20.74 -7.49
N TRP H 45 -1.23 -21.44 -7.40
CA TRP H 45 -1.26 -22.89 -7.37
C TRP H 45 -2.00 -23.44 -6.13
N LYS H 46 -1.97 -22.68 -5.02
CA LYS H 46 -2.51 -23.19 -3.76
C LYS H 46 -4.04 -23.19 -3.72
N SER H 47 -4.66 -22.16 -4.30
CA SER H 47 -6.12 -22.05 -4.31
C SER H 47 -6.71 -22.70 -5.56
N LYS H 48 -5.87 -23.43 -6.28
CA LYS H 48 -6.29 -24.21 -7.45
C LYS H 48 -6.20 -25.71 -7.16
N ASN H 49 -5.15 -26.12 -6.44
CA ASN H 49 -4.95 -27.53 -6.08
C ASN H 49 -5.09 -27.78 -4.59
N PHE I 7 30.24 -57.04 -28.40
CA PHE I 7 31.28 -56.13 -27.94
C PHE I 7 30.69 -54.81 -27.43
N GLU I 8 30.09 -54.05 -28.34
CA GLU I 8 29.64 -52.69 -28.05
C GLU I 8 28.54 -52.66 -27.01
N GLU I 9 27.78 -53.74 -26.94
CA GLU I 9 26.73 -53.88 -25.92
C GLU I 9 27.33 -53.81 -24.52
N LYS I 10 28.40 -54.57 -24.32
CA LYS I 10 29.05 -54.61 -23.02
C LYS I 10 30.02 -53.45 -22.90
N ALA I 11 30.35 -52.84 -24.04
CA ALA I 11 31.29 -51.72 -24.06
C ALA I 11 30.63 -50.47 -23.53
N ILE I 12 29.45 -50.17 -24.07
CA ILE I 12 28.73 -48.96 -23.70
C ILE I 12 28.24 -49.01 -22.25
N GLU I 13 27.57 -50.10 -21.88
CA GLU I 13 27.08 -50.27 -20.52
C GLU I 13 28.17 -50.06 -19.47
N LYS I 14 29.38 -50.52 -19.78
CA LYS I 14 30.52 -50.34 -18.87
C LYS I 14 30.84 -48.85 -18.69
N VAL I 15 30.83 -48.10 -19.78
CA VAL I 15 31.06 -46.66 -19.74
C VAL I 15 29.85 -45.95 -19.14
N ASP I 16 28.67 -46.54 -19.34
CA ASP I 16 27.44 -46.01 -18.75
C ASP I 16 27.61 -45.91 -17.25
N ASP I 17 27.97 -47.03 -16.63
CA ASP I 17 28.25 -47.10 -15.20
C ASP I 17 29.36 -46.15 -14.77
N LEU I 18 30.18 -45.75 -15.74
CA LEU I 18 31.28 -44.81 -15.49
C LEU I 18 30.79 -43.37 -15.56
N LEU I 19 29.73 -43.14 -16.33
CA LEU I 19 29.08 -41.84 -16.34
C LEU I 19 28.35 -41.61 -15.01
N GLU I 20 27.55 -42.60 -14.60
CA GLU I 20 26.69 -42.54 -13.42
C GLU I 20 27.45 -42.35 -12.10
N SER I 21 28.77 -42.45 -12.14
CA SER I 21 29.57 -42.28 -10.94
C SER I 21 30.29 -40.94 -10.97
N TYR I 22 30.13 -40.23 -12.08
CA TYR I 22 30.77 -38.92 -12.28
C TYR I 22 29.76 -37.80 -12.40
N MET I 23 28.69 -38.05 -13.15
CA MET I 23 27.66 -37.04 -13.41
C MET I 23 26.34 -37.36 -12.71
N GLY I 24 26.20 -38.59 -12.23
CA GLY I 24 24.96 -39.02 -11.60
C GLY I 24 23.86 -39.33 -12.59
N ILE I 25 24.04 -38.90 -13.84
CA ILE I 25 23.08 -39.19 -14.91
C ILE I 25 23.57 -40.37 -15.74
N ARG I 26 22.63 -41.06 -16.37
CA ARG I 26 22.96 -42.29 -17.07
C ARG I 26 22.45 -42.27 -18.51
N ASP I 27 23.30 -41.81 -19.43
CA ASP I 27 22.92 -41.66 -20.83
C ASP I 27 23.70 -42.57 -21.78
N THR I 28 23.01 -43.48 -22.45
CA THR I 28 23.67 -44.40 -23.39
C THR I 28 24.13 -43.69 -24.66
N GLU I 29 23.42 -42.64 -25.06
CA GLU I 29 23.78 -41.91 -26.27
C GLU I 29 25.14 -41.24 -26.14
N LEU I 30 25.49 -40.84 -24.92
CA LEU I 30 26.78 -40.20 -24.64
C LEU I 30 27.90 -41.25 -24.58
N ALA I 31 27.67 -42.31 -23.81
CA ALA I 31 28.64 -43.38 -23.66
C ALA I 31 28.94 -44.07 -24.98
N ALA I 32 27.94 -44.13 -25.86
CA ALA I 32 28.11 -44.70 -27.19
C ALA I 32 29.03 -43.84 -28.06
N THR I 33 29.04 -42.53 -27.81
CA THR I 33 29.89 -41.60 -28.54
C THR I 33 31.34 -41.76 -28.09
N MET I 34 31.52 -42.01 -26.80
CA MET I 34 32.86 -42.20 -26.26
C MET I 34 33.47 -43.48 -26.81
N VAL I 35 32.75 -44.59 -26.69
CA VAL I 35 33.19 -45.86 -27.28
C VAL I 35 33.57 -45.69 -28.76
N GLU I 36 32.70 -45.06 -29.54
CA GLU I 36 32.93 -44.84 -30.97
C GLU I 36 34.01 -43.81 -31.30
N LEU I 37 34.60 -43.24 -30.27
CA LEU I 37 35.58 -42.19 -30.44
C LEU I 37 36.96 -42.67 -30.02
N GLY I 38 36.98 -43.61 -29.08
CA GLY I 38 38.23 -44.08 -28.53
C GLY I 38 38.33 -45.59 -28.44
N LYS I 39 37.82 -46.31 -29.43
CA LYS I 39 37.96 -47.75 -29.47
C LYS I 39 39.10 -48.12 -30.42
N ASP I 40 39.68 -47.11 -31.04
CA ASP I 40 40.74 -47.35 -32.01
C ASP I 40 41.96 -46.51 -31.67
N LYS I 41 41.93 -45.85 -30.51
CA LYS I 41 43.09 -45.11 -30.04
C LYS I 41 44.03 -46.06 -29.29
N ARG I 42 45.32 -45.75 -29.31
CA ARG I 42 46.34 -46.65 -28.77
C ARG I 42 46.68 -46.35 -27.30
N ASN I 43 46.37 -45.13 -26.84
CA ASN I 43 46.63 -44.75 -25.46
C ASN I 43 45.63 -43.74 -24.91
N PRO I 44 45.48 -43.68 -23.57
CA PRO I 44 44.65 -42.69 -22.88
C PRO I 44 44.83 -41.26 -23.38
N ASP I 45 46.06 -40.88 -23.74
CA ASP I 45 46.33 -39.52 -24.15
C ASP I 45 45.74 -39.18 -25.51
N GLU I 46 45.67 -40.17 -26.38
CA GLU I 46 45.02 -39.99 -27.66
C GLU I 46 43.50 -39.97 -27.49
N LEU I 47 43.01 -40.62 -26.44
CA LEU I 47 41.60 -40.58 -26.10
C LEU I 47 41.30 -39.26 -25.42
N ALA I 48 42.33 -38.66 -24.84
CA ALA I 48 42.18 -37.38 -24.16
C ALA I 48 41.95 -36.27 -25.17
N GLU I 49 42.84 -36.16 -26.15
CA GLU I 49 42.73 -35.10 -27.14
C GLU I 49 41.52 -35.31 -28.06
N ALA I 50 41.03 -36.55 -28.15
CA ALA I 50 39.84 -36.84 -28.95
C ALA I 50 38.57 -36.52 -28.17
N LEU I 51 38.68 -36.35 -26.86
CA LEU I 51 37.55 -35.88 -26.09
C LEU I 51 37.59 -34.36 -25.93
N ASP I 52 38.77 -33.76 -26.12
CA ASP I 52 38.90 -32.30 -26.13
C ASP I 52 38.32 -31.72 -27.42
N GLU I 53 37.75 -32.60 -28.23
CA GLU I 53 37.15 -32.21 -29.48
C GLU I 53 35.65 -32.02 -29.30
N ARG I 54 34.94 -33.14 -29.14
CA ARG I 54 33.48 -33.09 -29.06
C ARG I 54 32.99 -32.73 -27.67
N LEU I 55 33.63 -33.28 -26.64
CA LEU I 55 33.15 -33.14 -25.26
C LEU I 55 34.11 -32.34 -24.39
N GLY I 56 34.82 -31.39 -25.00
CA GLY I 56 35.88 -30.68 -24.31
C GLY I 56 35.42 -29.93 -23.08
N ASP I 57 34.19 -29.43 -23.12
CA ASP I 57 33.69 -28.56 -22.07
C ASP I 57 33.47 -29.29 -20.74
N PHE I 58 33.33 -30.62 -20.81
CA PHE I 58 33.14 -31.43 -19.61
C PHE I 58 34.28 -31.33 -18.60
N ALA I 59 35.48 -31.03 -19.11
CA ALA I 59 36.70 -31.00 -18.29
C ALA I 59 36.83 -32.27 -17.45
N PHE I 60 36.73 -33.42 -18.14
CA PHE I 60 36.86 -34.73 -17.52
C PHE I 60 38.17 -34.92 -16.76
N PRO I 61 38.10 -35.58 -15.60
CA PRO I 61 39.26 -35.83 -14.74
C PRO I 61 40.25 -36.78 -15.40
N ASP I 62 41.52 -36.70 -15.01
CA ASP I 62 42.50 -37.65 -15.52
C ASP I 62 42.02 -39.07 -15.19
N GLU I 63 41.70 -39.29 -13.93
CA GLU I 63 41.27 -40.61 -13.46
C GLU I 63 40.04 -41.17 -14.20
N PHE I 64 39.15 -40.30 -14.63
CA PHE I 64 37.96 -40.72 -15.37
C PHE I 64 38.36 -41.28 -16.74
N VAL I 65 39.11 -40.49 -17.51
CA VAL I 65 39.56 -40.88 -18.85
C VAL I 65 40.18 -42.27 -18.82
N PHE I 66 41.07 -42.48 -17.85
CA PHE I 66 41.67 -43.78 -17.57
C PHE I 66 40.62 -44.88 -17.53
N ASP I 67 39.70 -44.78 -16.57
CA ASP I 67 38.68 -45.82 -16.38
C ASP I 67 37.87 -46.10 -17.64
N VAL I 68 37.57 -45.04 -18.39
CA VAL I 68 36.93 -45.16 -19.70
C VAL I 68 37.81 -45.98 -20.63
N TRP I 69 39.08 -45.59 -20.70
CA TRP I 69 40.07 -46.30 -21.51
C TRP I 69 40.07 -47.79 -21.20
N GLY I 70 40.24 -48.10 -19.92
CA GLY I 70 40.28 -49.48 -19.46
C GLY I 70 39.02 -50.24 -19.81
N ALA I 71 37.87 -49.61 -19.60
CA ALA I 71 36.58 -50.26 -19.84
C ALA I 71 36.35 -50.60 -21.31
N ILE I 72 36.95 -49.80 -22.20
CA ILE I 72 36.84 -50.04 -23.64
C ILE I 72 37.60 -51.28 -24.07
N GLY I 73 38.85 -51.37 -23.62
CA GLY I 73 39.66 -52.53 -23.88
C GLY I 73 39.12 -53.76 -23.20
N ASP I 74 38.46 -53.57 -22.05
CA ASP I 74 37.85 -54.69 -21.32
C ASP I 74 36.73 -55.30 -22.14
N ALA I 75 36.19 -54.54 -23.08
CA ALA I 75 35.14 -55.05 -23.94
C ALA I 75 35.75 -55.83 -25.12
N LYS I 76 36.80 -55.25 -25.71
CA LYS I 76 37.52 -55.88 -26.82
C LYS I 76 37.89 -57.32 -26.51
N VAL I 77 38.42 -57.51 -25.32
CA VAL I 77 38.86 -58.82 -24.88
C VAL I 77 37.68 -59.73 -24.58
N GLY I 78 36.79 -59.28 -23.70
CA GLY I 78 35.64 -60.05 -23.29
C GLY I 78 35.68 -60.34 -21.80
N ARG I 79 36.15 -59.35 -21.03
CA ARG I 79 36.14 -59.45 -19.58
C ARG I 79 34.79 -59.01 -19.03
N TYR I 80 33.79 -59.89 -19.15
CA TYR I 80 32.44 -59.60 -18.65
C TYR I 80 31.76 -60.87 -18.17
N HIS J 5 42.16 -27.57 -3.17
CA HIS J 5 41.90 -28.82 -3.87
C HIS J 5 41.48 -28.59 -5.31
N ASP J 6 41.67 -29.60 -6.15
CA ASP J 6 41.03 -29.60 -7.46
C ASP J 6 39.75 -30.42 -7.33
N LEU J 7 38.65 -29.83 -7.76
CA LEU J 7 37.33 -30.39 -7.54
C LEU J 7 36.81 -31.17 -8.73
N SER J 8 37.40 -30.91 -9.89
CA SER J 8 37.02 -31.61 -11.11
C SER J 8 37.26 -33.11 -10.94
N LYS J 9 38.31 -33.45 -10.22
CA LYS J 9 38.68 -34.85 -10.03
C LYS J 9 37.96 -35.49 -8.84
N TRP J 10 36.70 -35.13 -8.65
CA TRP J 10 35.89 -35.68 -7.57
C TRP J 10 34.75 -36.53 -8.07
N LYS J 11 34.50 -37.65 -7.40
CA LYS J 11 33.41 -38.55 -7.78
C LYS J 11 32.06 -37.92 -7.45
N TYR J 12 31.04 -38.22 -8.26
CA TYR J 12 29.69 -37.67 -8.06
C TYR J 12 29.17 -37.90 -6.65
N ALA J 13 29.17 -39.16 -6.22
CA ALA J 13 28.64 -39.53 -4.92
C ALA J 13 29.46 -38.92 -3.76
N GLU J 14 30.72 -38.58 -4.03
CA GLU J 14 31.54 -37.88 -3.05
C GLU J 14 30.99 -36.48 -2.84
N LEU J 15 30.57 -35.85 -3.95
CA LEU J 15 29.95 -34.54 -3.90
C LEU J 15 28.67 -34.53 -3.07
N ARG J 16 27.75 -35.46 -3.37
CA ARG J 16 26.46 -35.51 -2.71
C ARG J 16 26.56 -35.75 -1.20
N ASP J 17 27.59 -36.48 -0.78
CA ASP J 17 27.80 -36.80 0.63
C ASP J 17 28.50 -35.66 1.36
N THR J 18 29.13 -34.77 0.61
CA THR J 18 29.72 -33.58 1.20
C THR J 18 28.62 -32.56 1.42
N ILE J 19 27.66 -32.56 0.51
CA ILE J 19 26.61 -31.57 0.52
C ILE J 19 25.75 -31.66 1.78
N ASN J 20 25.29 -32.86 2.13
CA ASN J 20 24.39 -32.97 3.28
C ASN J 20 25.06 -33.47 4.56
N THR J 21 26.33 -33.09 4.77
CA THR J 21 27.05 -33.49 5.97
C THR J 21 28.07 -32.45 6.39
N SER J 22 28.87 -31.97 5.42
CA SER J 22 29.91 -31.01 5.74
C SER J 22 29.30 -29.70 6.25
N CYS J 23 29.89 -29.18 7.32
CA CYS J 23 29.43 -27.95 7.96
C CYS J 23 30.30 -26.77 7.54
N ASP J 24 31.04 -26.93 6.44
CA ASP J 24 31.86 -25.86 5.89
C ASP J 24 31.13 -25.19 4.73
N ILE J 25 30.61 -23.99 4.97
CA ILE J 25 29.83 -23.24 3.99
C ILE J 25 30.72 -22.77 2.83
N GLU J 26 32.01 -22.61 3.13
CA GLU J 26 33.00 -22.29 2.10
C GLU J 26 33.13 -23.44 1.09
N LEU J 27 33.37 -24.64 1.63
CA LEU J 27 33.47 -25.86 0.81
C LEU J 27 32.15 -26.20 0.15
N LEU J 28 31.07 -26.04 0.91
CA LEU J 28 29.72 -26.36 0.46
C LEU J 28 29.37 -25.65 -0.86
N ALA J 29 29.88 -24.43 -1.02
CA ALA J 29 29.63 -23.64 -2.22
C ALA J 29 30.37 -24.23 -3.43
N ALA J 30 31.50 -24.89 -3.17
CA ALA J 30 32.31 -25.51 -4.22
C ALA J 30 31.68 -26.81 -4.74
N CYS J 31 31.35 -27.71 -3.81
CA CYS J 31 30.69 -28.97 -4.14
C CYS J 31 29.36 -28.71 -4.85
N ARG J 32 28.58 -27.77 -4.32
CA ARG J 32 27.28 -27.45 -4.88
C ARG J 32 27.41 -26.80 -6.25
N GLU J 33 28.51 -26.09 -6.48
CA GLU J 33 28.75 -25.47 -7.79
C GLU J 33 29.27 -26.49 -8.80
N GLU J 34 30.17 -27.35 -8.34
CA GLU J 34 30.69 -28.41 -9.18
C GLU J 34 29.58 -29.34 -9.63
N PHE J 35 28.75 -29.77 -8.67
CA PHE J 35 27.55 -30.57 -8.94
C PHE J 35 26.73 -29.95 -10.06
N HIS J 36 26.63 -28.63 -10.03
CA HIS J 36 25.88 -27.90 -11.05
C HIS J 36 26.60 -27.92 -12.39
N ARG J 37 27.89 -27.58 -12.37
CA ARG J 37 28.68 -27.46 -13.61
C ARG J 37 28.53 -28.69 -14.51
N ARG J 38 28.56 -29.87 -13.91
CA ARG J 38 28.44 -31.13 -14.65
C ARG J 38 27.10 -31.21 -15.40
N LEU J 39 26.00 -31.14 -14.66
CA LEU J 39 24.67 -31.27 -15.25
C LEU J 39 24.34 -30.08 -16.17
N LYS J 40 25.08 -28.99 -15.99
CA LYS J 40 25.03 -27.83 -16.89
C LYS J 40 25.60 -28.18 -18.25
N VAL J 41 26.76 -28.84 -18.24
CA VAL J 41 27.45 -29.22 -19.45
C VAL J 41 26.70 -30.36 -20.15
N TYR J 42 26.16 -31.29 -19.38
CA TYR J 42 25.34 -32.35 -19.95
C TYR J 42 24.08 -31.78 -20.62
N HIS J 43 23.54 -30.70 -20.06
CA HIS J 43 22.42 -29.98 -20.67
C HIS J 43 22.86 -29.32 -21.98
N ALA J 44 24.07 -28.75 -21.96
CA ALA J 44 24.66 -28.11 -23.12
C ALA J 44 24.91 -29.11 -24.25
N TRP J 45 25.15 -30.36 -23.88
CA TRP J 45 25.38 -31.41 -24.86
C TRP J 45 24.07 -32.05 -25.31
N LYS J 46 23.06 -32.05 -24.42
CA LYS J 46 21.81 -32.72 -24.70
C LYS J 46 20.98 -31.98 -25.75
N SER J 47 21.02 -30.65 -25.67
CA SER J 47 20.19 -29.78 -26.52
C SER J 47 20.64 -29.71 -27.98
N LYS J 48 21.94 -29.93 -28.20
CA LYS J 48 22.54 -29.80 -29.52
C LYS J 48 22.69 -31.15 -30.23
N ASN J 49 23.24 -32.13 -29.51
CA ASN J 49 23.46 -33.45 -30.10
C ASN J 49 22.40 -34.47 -29.71
#